data_4XPJ
#
_entry.id   4XPJ
#
_cell.length_a   96.689
_cell.length_b   96.689
_cell.length_c   164.339
_cell.angle_alpha   90.00
_cell.angle_beta   90.00
_cell.angle_gamma   120.00
#
_symmetry.space_group_name_H-M   'H 3 2'
#
loop_
_entity.id
_entity.type
_entity.pdbx_description
1 polymer 'Beta-nerve growth factor'
2 non-polymer '(2R)-2-hydroxy-3-{[(S)-hydroxy{[(1S,2R,3R,4S,5S,6R)-2,3,4,5,6-pentahydroxycyclohexyl]oxy}phosphoryl]oxy}propyl tridecanoate'
3 water water
#
_entity_poly.entity_id   1
_entity_poly.type   'polypeptide(L)'
_entity_poly.pdbx_seq_one_letter_code
;SSTHPVFHMGEFSVCDSVSVWVGDKTTATDIKGKEVTVLAEVNINNSVFRQYFFETKCRASNPVESGCRGIDSKHWNSYC
TTTHTFVKALTTDEKQAAWRFIRIDTACVCVLSRKATRRG
;
_entity_poly.pdbx_strand_id   A,B
#
loop_
_chem_comp.id
_chem_comp.type
_chem_comp.name
_chem_comp.formula
LPY non-polymer '(2R)-2-hydroxy-3-{[(S)-hydroxy{[(1S,2R,3R,4S,5S,6R)-2,3,4,5,6-pentahydroxycyclohexyl]oxy}phosphoryl]oxy}propyl tridecanoate' 'C22 H43 O12 P'
#
# COMPACT_ATOMS: atom_id res chain seq x y z
N GLY A 10 -10.08 12.50 -16.89
CA GLY A 10 -11.52 12.40 -16.69
C GLY A 10 -11.94 11.02 -16.21
N GLU A 11 -11.12 10.43 -15.34
CA GLU A 11 -11.30 9.07 -14.85
C GLU A 11 -12.03 8.96 -13.52
N PHE A 12 -12.62 7.81 -13.29
CA PHE A 12 -13.32 7.50 -12.05
C PHE A 12 -12.66 6.30 -11.41
N SER A 13 -12.62 6.26 -10.09
CA SER A 13 -12.23 5.02 -9.43
C SER A 13 -13.48 4.17 -9.31
N VAL A 14 -13.29 2.87 -9.24
CA VAL A 14 -14.39 1.96 -9.02
C VAL A 14 -14.85 2.08 -7.57
N CYS A 15 -13.89 2.43 -6.70
CA CYS A 15 -14.10 2.55 -5.25
C CYS A 15 -13.50 3.82 -4.69
N ASP A 16 -14.19 4.47 -3.76
CA ASP A 16 -13.74 5.74 -3.21
C ASP A 16 -12.86 5.58 -1.98
N SER A 17 -11.65 6.10 -2.06
CA SER A 17 -10.67 5.97 -0.98
C SER A 17 -10.63 7.19 -0.08
N VAL A 18 -10.08 7.04 1.12
CA VAL A 18 -9.66 8.19 1.93
C VAL A 18 -8.33 7.90 2.63
N SER A 19 -7.34 8.75 2.37
CA SER A 19 -6.01 8.59 2.94
C SER A 19 -5.76 9.56 4.09
N VAL A 20 -5.08 9.10 5.14
CA VAL A 20 -4.56 10.01 6.16
C VAL A 20 -3.13 9.61 6.54
N TRP A 21 -2.42 10.54 7.16
CA TRP A 21 -1.16 10.19 7.82
C TRP A 21 -1.44 9.94 9.28
N VAL A 22 -0.77 8.94 9.83
CA VAL A 22 -0.98 8.56 11.20
C VAL A 22 0.35 8.65 11.90
N GLY A 23 0.46 9.61 12.82
CA GLY A 23 1.72 9.86 13.51
C GLY A 23 1.72 9.39 14.94
N ASP A 24 0.55 8.91 15.38
CA ASP A 24 0.32 8.53 16.77
C ASP A 24 -0.15 7.08 16.93
N LYS A 25 0.32 6.18 16.07
CA LYS A 25 -0.17 4.81 16.12
C LYS A 25 0.31 4.15 17.41
N THR A 26 -0.58 3.44 18.10
CA THR A 26 -0.17 2.77 19.33
C THR A 26 -0.22 1.26 19.17
N THR A 27 -1.34 0.75 18.71
CA THR A 27 -1.60 -0.68 18.67
C THR A 27 -1.67 -1.20 17.22
N ALA A 28 -1.22 -2.43 16.99
CA ALA A 28 -1.18 -2.97 15.63
C ALA A 28 -1.02 -4.50 15.59
N THR A 29 -1.28 -5.08 14.43
CA THR A 29 -1.04 -6.49 14.24
C THR A 29 0.15 -6.72 13.34
N ASP A 30 1.10 -7.50 13.81
CA ASP A 30 2.31 -7.68 13.06
C ASP A 30 2.11 -8.79 12.02
N ILE A 31 3.15 -9.05 11.25
CA ILE A 31 3.04 -9.95 10.12
C ILE A 31 2.74 -11.38 10.54
N LYS A 32 2.89 -11.66 11.83
CA LYS A 32 2.63 -12.98 12.35
C LYS A 32 1.29 -13.05 13.09
N GLY A 33 0.48 -12.01 12.95
CA GLY A 33 -0.84 -12.04 13.54
C GLY A 33 -0.88 -11.72 15.02
N LYS A 34 0.26 -11.38 15.62
CA LYS A 34 0.22 -10.98 17.03
C LYS A 34 -0.04 -9.47 17.18
N GLU A 35 -0.67 -9.12 18.30
CA GLU A 35 -0.96 -7.73 18.65
C GLU A 35 0.26 -7.10 19.28
N VAL A 36 0.70 -6.00 18.71
CA VAL A 36 1.90 -5.35 19.18
C VAL A 36 1.63 -3.87 19.42
N THR A 37 2.49 -3.26 20.23
CA THR A 37 2.43 -1.83 20.48
C THR A 37 3.45 -1.15 19.61
N VAL A 38 3.07 -0.04 18.99
CA VAL A 38 3.98 0.78 18.18
C VAL A 38 4.53 1.95 19.01
N LEU A 39 5.85 2.14 19.01
CA LEU A 39 6.45 3.31 19.66
C LEU A 39 6.42 4.52 18.72
N ALA A 40 5.38 5.33 18.88
CA ALA A 40 5.22 6.61 18.17
C ALA A 40 6.51 7.43 18.02
N GLU A 41 7.18 7.70 19.15
CA GLU A 41 8.37 8.54 19.14
C GLU A 41 9.56 7.92 19.82
N VAL A 42 10.73 8.21 19.29
CA VAL A 42 11.93 7.89 20.02
C VAL A 42 12.69 9.19 20.25
N ASN A 43 13.01 9.43 21.51
CA ASN A 43 13.66 10.65 21.94
C ASN A 43 15.10 10.30 22.23
N ILE A 44 16.02 10.84 21.44
CA ILE A 44 17.43 10.67 21.72
C ILE A 44 18.09 12.03 21.96
N ASN A 45 18.51 12.26 23.21
CA ASN A 45 19.14 13.51 23.60
C ASN A 45 18.36 14.74 23.10
N ASN A 46 17.04 14.66 23.24
CA ASN A 46 16.09 15.67 22.83
C ASN A 46 15.91 15.78 21.31
N SER A 47 16.52 14.87 20.57
CA SER A 47 16.18 14.76 19.15
C SER A 47 15.08 13.70 19.00
N VAL A 48 13.95 14.07 18.42
CA VAL A 48 12.81 13.17 18.40
C VAL A 48 12.53 12.59 17.03
N PHE A 49 12.53 11.27 16.96
CA PHE A 49 12.18 10.54 15.77
C PHE A 49 10.71 10.10 15.85
N ARG A 50 9.89 10.61 14.95
CA ARG A 50 8.48 10.24 14.93
C ARG A 50 8.23 9.18 13.85
N GLN A 51 7.36 8.22 14.12
CA GLN A 51 6.96 7.26 13.09
C GLN A 51 5.62 7.66 12.54
N TYR A 52 5.60 7.99 11.25
CA TYR A 52 4.37 8.30 10.52
C TYR A 52 4.02 7.17 9.55
N PHE A 53 2.74 6.83 9.47
CA PHE A 53 2.27 5.85 8.48
C PHE A 53 1.21 6.46 7.58
N PHE A 54 1.29 6.13 6.30
CA PHE A 54 0.32 6.60 5.32
C PHE A 54 -0.75 5.54 5.08
N GLU A 55 -1.96 5.81 5.52
CA GLU A 55 -2.99 4.79 5.39
C GLU A 55 -4.08 5.24 4.45
N THR A 56 -4.54 4.31 3.63
CA THR A 56 -5.66 4.55 2.75
C THR A 56 -6.78 3.60 3.15
N LYS A 57 -8.00 4.12 3.18
CA LYS A 57 -9.16 3.38 3.68
C LYS A 57 -10.35 3.60 2.74
N CYS A 58 -11.30 2.68 2.73
CA CYS A 58 -12.52 2.89 1.96
C CYS A 58 -13.33 4.02 2.58
N ARG A 59 -14.01 4.79 1.72
CA ARG A 59 -14.95 5.79 2.19
C ARG A 59 -16.19 5.02 2.58
N ALA A 60 -16.90 4.55 1.57
CA ALA A 60 -18.05 3.68 1.79
C ALA A 60 -17.77 2.32 1.16
N SER A 61 -18.40 1.28 1.72
CA SER A 61 -18.37 -0.05 1.12
C SER A 61 -19.32 -0.09 -0.08
N ASN A 62 -20.29 0.82 -0.07
CA ASN A 62 -21.18 1.04 -1.20
C ASN A 62 -21.16 2.50 -1.62
N PRO A 63 -20.22 2.87 -2.53
CA PRO A 63 -20.25 4.20 -3.15
C PRO A 63 -21.57 4.41 -3.89
N VAL A 64 -21.73 3.73 -5.01
CA VAL A 64 -23.04 3.59 -5.65
C VAL A 64 -23.79 2.54 -4.83
N GLU A 65 -25.11 2.49 -4.97
CA GLU A 65 -25.91 1.58 -4.16
C GLU A 65 -25.82 0.14 -4.68
N SER A 66 -25.50 -0.02 -5.97
CA SER A 66 -25.24 -1.33 -6.57
C SER A 66 -23.92 -1.94 -6.05
N GLY A 67 -23.30 -1.25 -5.11
CA GLY A 67 -22.03 -1.67 -4.55
C GLY A 67 -20.90 -0.83 -5.10
N CYS A 68 -20.00 -1.46 -5.84
CA CYS A 68 -18.92 -0.73 -6.51
C CYS A 68 -19.49 0.08 -7.68
N ARG A 69 -18.71 1.05 -8.13
CA ARG A 69 -19.07 1.87 -9.28
C ARG A 69 -18.65 1.19 -10.59
N GLY A 70 -19.49 1.28 -11.61
CA GLY A 70 -19.14 0.79 -12.93
C GLY A 70 -19.27 -0.69 -13.14
N ILE A 71 -19.74 -1.41 -12.12
CA ILE A 71 -19.94 -2.87 -12.21
C ILE A 71 -21.19 -3.22 -13.01
N ASP A 72 -21.10 -4.28 -13.80
CA ASP A 72 -22.25 -4.86 -14.45
C ASP A 72 -23.16 -5.48 -13.39
N SER A 73 -23.96 -4.63 -12.74
CA SER A 73 -24.83 -5.01 -11.62
C SER A 73 -25.70 -6.22 -11.92
N LYS A 74 -26.01 -6.41 -13.21
CA LYS A 74 -26.83 -7.52 -13.65
C LYS A 74 -26.22 -8.89 -13.32
N HIS A 75 -24.96 -9.06 -13.67
CA HIS A 75 -24.27 -10.35 -13.45
C HIS A 75 -23.68 -10.50 -12.05
N TRP A 76 -23.10 -9.43 -11.53
CA TRP A 76 -22.40 -9.50 -10.25
C TRP A 76 -22.88 -8.51 -9.21
N ASN A 77 -22.83 -8.91 -7.95
CA ASN A 77 -22.88 -7.94 -6.87
C ASN A 77 -21.45 -7.59 -6.44
N SER A 78 -21.27 -6.41 -5.87
CA SER A 78 -19.94 -5.96 -5.53
C SER A 78 -19.97 -5.05 -4.31
N TYR A 79 -18.91 -5.06 -3.54
CA TYR A 79 -18.79 -4.08 -2.48
C TYR A 79 -17.36 -3.60 -2.38
N CYS A 80 -17.16 -2.47 -1.71
CA CYS A 80 -15.82 -1.92 -1.56
C CYS A 80 -15.27 -2.23 -0.20
N THR A 81 -13.99 -2.54 -0.16
CA THR A 81 -13.41 -3.02 1.07
C THR A 81 -11.94 -2.68 1.15
N THR A 82 -11.48 -2.49 2.37
CA THR A 82 -10.10 -2.13 2.62
C THR A 82 -9.17 -3.33 2.54
N THR A 83 -7.99 -3.13 1.96
CA THR A 83 -6.94 -4.14 2.03
C THR A 83 -5.68 -3.54 2.61
N HIS A 84 -4.76 -4.40 3.02
CA HIS A 84 -3.62 -3.95 3.78
C HIS A 84 -2.34 -4.26 3.05
N THR A 85 -1.23 -3.71 3.55
CA THR A 85 0.11 -4.11 3.11
C THR A 85 0.91 -4.29 4.38
N PHE A 86 2.21 -4.52 4.25
CA PHE A 86 3.05 -4.66 5.42
C PHE A 86 4.19 -3.66 5.43
N VAL A 87 4.25 -2.91 6.52
CA VAL A 87 5.23 -1.85 6.70
C VAL A 87 6.06 -2.13 7.95
N LYS A 88 7.38 -1.97 7.85
CA LYS A 88 8.25 -2.16 9.02
C LYS A 88 8.00 -1.05 10.05
N ALA A 89 8.06 -1.38 11.33
CA ALA A 89 7.79 -0.39 12.38
C ALA A 89 8.47 -0.79 13.69
N LEU A 90 8.98 0.19 14.42
CA LEU A 90 9.53 -0.06 15.75
C LEU A 90 8.36 -0.38 16.69
N THR A 91 8.44 -1.53 17.36
CA THR A 91 7.32 -2.06 18.12
C THR A 91 7.79 -2.73 19.39
N THR A 92 6.87 -2.96 20.33
CA THR A 92 7.11 -3.94 21.40
C THR A 92 5.97 -4.95 21.50
N ASP A 93 6.29 -6.15 21.97
CA ASP A 93 5.29 -7.13 22.37
C ASP A 93 5.30 -7.21 23.90
N GLU A 94 6.01 -6.26 24.50
CA GLU A 94 6.21 -6.15 25.95
C GLU A 94 7.20 -7.21 26.45
N LYS A 95 7.59 -8.09 25.55
CA LYS A 95 8.67 -9.03 25.81
C LYS A 95 9.94 -8.49 25.15
N GLN A 96 9.76 -7.69 24.12
CA GLN A 96 10.89 -7.27 23.32
C GLN A 96 10.58 -6.07 22.43
N ALA A 97 11.52 -5.15 22.33
CA ALA A 97 11.39 -4.04 21.41
C ALA A 97 12.12 -4.41 20.13
N ALA A 98 11.48 -4.15 19.00
CA ALA A 98 12.07 -4.54 17.71
C ALA A 98 11.33 -3.91 16.54
N TRP A 99 11.96 -3.86 15.38
CA TRP A 99 11.26 -3.51 14.14
C TRP A 99 10.50 -4.74 13.64
N ARG A 100 9.20 -4.62 13.44
CA ARG A 100 8.36 -5.75 13.01
C ARG A 100 7.52 -5.28 11.83
N PHE A 101 7.38 -6.10 10.80
CA PHE A 101 6.46 -5.69 9.74
C PHE A 101 5.07 -5.71 10.33
N ILE A 102 4.40 -4.57 10.27
CA ILE A 102 3.05 -4.49 10.81
C ILE A 102 2.06 -4.19 9.68
N ARG A 103 0.81 -4.53 9.95
CA ARG A 103 -0.24 -4.49 8.94
C ARG A 103 -0.82 -3.08 8.83
N ILE A 104 -0.94 -2.61 7.59
CA ILE A 104 -1.32 -1.22 7.32
C ILE A 104 -2.43 -1.13 6.26
N ASP A 105 -3.50 -0.39 6.55
CA ASP A 105 -4.52 -0.13 5.52
C ASP A 105 -3.90 0.63 4.37
N THR A 106 -3.98 0.07 3.17
CA THR A 106 -3.28 0.63 2.03
C THR A 106 -4.14 0.94 0.81
N ALA A 107 -5.35 0.40 0.73
CA ALA A 107 -6.22 0.69 -0.42
C ALA A 107 -7.67 0.26 -0.24
N CYS A 108 -8.51 0.76 -1.15
CA CYS A 108 -9.92 0.38 -1.19
C CYS A 108 -10.15 -0.37 -2.51
N VAL A 109 -10.57 -1.64 -2.45
CA VAL A 109 -10.71 -2.44 -3.65
C VAL A 109 -12.08 -3.08 -3.81
N CYS A 110 -12.45 -3.35 -5.06
CA CYS A 110 -13.76 -3.90 -5.36
C CYS A 110 -13.76 -5.42 -5.38
N VAL A 111 -14.70 -5.99 -4.64
CA VAL A 111 -14.87 -7.43 -4.53
C VAL A 111 -16.12 -7.89 -5.25
N LEU A 112 -16.00 -8.91 -6.10
CA LEU A 112 -17.12 -9.41 -6.89
C LEU A 112 -17.80 -10.63 -6.27
N SER A 113 -19.06 -10.82 -6.63
CA SER A 113 -19.85 -11.98 -6.24
C SER A 113 -20.82 -12.29 -7.37
N ARG A 114 -20.63 -13.38 -8.09
CA ARG A 114 -21.57 -13.74 -9.17
C ARG A 114 -22.89 -14.24 -8.60
N GLU B 11 -16.61 -15.32 -3.95
CA GLU B 11 -16.09 -13.95 -4.05
C GLU B 11 -14.82 -13.86 -4.89
N PHE B 12 -14.47 -12.66 -5.33
CA PHE B 12 -13.55 -12.49 -6.47
C PHE B 12 -13.14 -11.02 -6.68
N SER B 13 -11.85 -10.75 -6.84
CA SER B 13 -11.37 -9.38 -7.07
C SER B 13 -11.52 -8.89 -8.52
N VAL B 14 -11.69 -7.58 -8.69
CA VAL B 14 -11.85 -6.97 -10.01
C VAL B 14 -10.55 -6.95 -10.82
N CYS B 15 -9.43 -6.77 -10.12
CA CYS B 15 -8.13 -6.84 -10.74
C CYS B 15 -7.28 -7.88 -9.99
N ASP B 16 -6.40 -8.58 -10.69
CA ASP B 16 -5.58 -9.58 -10.00
C ASP B 16 -4.25 -9.04 -9.51
N SER B 17 -3.90 -9.41 -8.27
CA SER B 17 -2.67 -8.93 -7.62
C SER B 17 -1.56 -9.97 -7.60
N VAL B 18 -0.33 -9.49 -7.54
CA VAL B 18 0.84 -10.32 -7.32
C VAL B 18 1.70 -9.67 -6.24
N SER B 19 2.16 -10.46 -5.28
CA SER B 19 2.94 -9.91 -4.18
C SER B 19 4.36 -10.45 -4.07
N VAL B 20 5.30 -9.54 -3.82
CA VAL B 20 6.72 -9.83 -3.84
C VAL B 20 7.44 -9.23 -2.66
N TRP B 21 8.40 -9.96 -2.11
CA TRP B 21 9.34 -9.36 -1.16
C TRP B 21 10.56 -8.88 -1.91
N VAL B 22 10.82 -7.57 -1.85
CA VAL B 22 11.90 -6.98 -2.62
C VAL B 22 13.06 -6.63 -1.71
N GLY B 23 14.17 -7.35 -1.87
CA GLY B 23 15.34 -7.16 -1.02
C GLY B 23 16.51 -6.49 -1.74
N ASP B 24 16.32 -6.17 -3.00
CA ASP B 24 17.41 -5.64 -3.81
C ASP B 24 17.01 -4.37 -4.53
N LYS B 25 16.18 -3.54 -3.88
CA LYS B 25 15.71 -2.33 -4.53
C LYS B 25 16.87 -1.39 -4.75
N THR B 26 16.93 -0.74 -5.92
CA THR B 26 17.94 0.30 -6.05
C THR B 26 17.37 1.68 -6.38
N THR B 27 16.37 1.73 -7.24
CA THR B 27 15.79 2.99 -7.66
C THR B 27 14.41 3.19 -7.03
N ALA B 28 14.02 4.45 -6.86
CA ALA B 28 12.75 4.80 -6.24
C ALA B 28 12.42 6.27 -6.42
N THR B 29 11.18 6.64 -6.12
CA THR B 29 10.76 8.03 -6.17
C THR B 29 10.35 8.45 -4.78
N ASP B 30 10.93 9.52 -4.27
CA ASP B 30 10.56 9.89 -2.92
C ASP B 30 9.27 10.66 -2.92
N ILE B 31 8.84 11.04 -1.73
CA ILE B 31 7.55 11.68 -1.55
C ILE B 31 7.51 13.05 -2.23
N LYS B 32 8.67 13.63 -2.50
CA LYS B 32 8.75 14.90 -3.22
C LYS B 32 8.89 14.76 -4.74
N GLY B 33 8.70 13.54 -5.25
CA GLY B 33 8.83 13.32 -6.68
C GLY B 33 10.26 13.19 -7.18
N LYS B 34 11.24 13.40 -6.30
CA LYS B 34 12.64 13.22 -6.66
C LYS B 34 12.96 11.74 -6.87
N GLU B 35 13.77 11.41 -7.87
CA GLU B 35 14.27 10.03 -8.06
C GLU B 35 15.51 9.77 -7.22
N VAL B 36 15.43 8.79 -6.33
CA VAL B 36 16.51 8.53 -5.40
C VAL B 36 17.01 7.07 -5.48
N THR B 37 18.25 6.86 -5.05
CA THR B 37 18.82 5.53 -4.97
C THR B 37 18.54 4.92 -3.60
N VAL B 38 18.14 3.65 -3.59
CA VAL B 38 17.90 2.97 -2.34
C VAL B 38 19.17 2.22 -1.97
N LEU B 39 19.56 2.31 -0.71
CA LEU B 39 20.69 1.55 -0.21
C LEU B 39 20.12 0.26 0.39
N ALA B 40 20.04 -0.78 -0.44
CA ALA B 40 19.41 -2.03 -0.06
C ALA B 40 20.16 -2.71 1.07
N GLU B 41 21.47 -2.51 1.09
CA GLU B 41 22.34 -3.27 1.97
C GLU B 41 23.39 -2.40 2.67
N VAL B 42 23.36 -2.39 4.00
CA VAL B 42 24.38 -1.63 4.72
C VAL B 42 25.22 -2.56 5.59
N ASN B 43 26.53 -2.37 5.54
CA ASN B 43 27.44 -3.21 6.31
C ASN B 43 28.14 -2.39 7.40
N ILE B 44 27.89 -2.74 8.65
CA ILE B 44 28.53 -2.11 9.81
C ILE B 44 29.18 -3.13 10.72
N ASN B 45 30.44 -2.91 11.00
CA ASN B 45 31.32 -3.94 11.49
C ASN B 45 31.02 -5.11 10.60
N ASN B 46 30.78 -6.27 11.20
CA ASN B 46 30.42 -7.46 10.43
C ASN B 46 28.92 -7.77 10.46
N SER B 47 28.11 -6.75 10.70
CA SER B 47 26.68 -6.88 10.73
C SER B 47 26.09 -6.29 9.44
N VAL B 48 25.45 -7.13 8.62
CA VAL B 48 24.76 -6.64 7.42
C VAL B 48 23.27 -6.32 7.65
N PHE B 49 22.83 -5.15 7.17
CA PHE B 49 21.43 -4.72 7.22
C PHE B 49 20.81 -4.67 5.82
N ARG B 50 19.84 -5.55 5.58
CA ARG B 50 19.18 -5.60 4.27
C ARG B 50 17.75 -5.09 4.37
N GLN B 51 17.46 -3.99 3.67
CA GLN B 51 16.12 -3.40 3.68
C GLN B 51 15.13 -4.29 2.92
N TYR B 52 14.06 -4.69 3.59
CA TYR B 52 13.04 -5.53 2.98
C TYR B 52 11.74 -4.77 2.78
N PHE B 53 11.16 -4.92 1.60
CA PHE B 53 9.90 -4.26 1.27
C PHE B 53 8.87 -5.24 0.74
N PHE B 54 7.61 -5.04 1.11
CA PHE B 54 6.54 -5.92 0.66
C PHE B 54 5.72 -5.20 -0.40
N GLU B 55 5.80 -5.65 -1.64
CA GLU B 55 5.12 -4.94 -2.71
C GLU B 55 4.09 -5.79 -3.44
N THR B 56 3.06 -5.12 -3.93
CA THR B 56 1.97 -5.75 -4.64
C THR B 56 1.76 -5.02 -5.96
N LYS B 57 1.81 -5.76 -7.07
CA LYS B 57 1.63 -5.18 -8.38
C LYS B 57 0.49 -5.87 -9.10
N CYS B 58 0.09 -5.29 -10.24
CA CYS B 58 -0.92 -5.90 -11.08
C CYS B 58 -0.36 -7.12 -11.77
N ARG B 59 -1.14 -8.19 -11.81
CA ARG B 59 -0.76 -9.36 -12.56
C ARG B 59 -0.99 -9.04 -14.04
N ALA B 60 -2.01 -8.23 -14.31
CA ALA B 60 -2.32 -7.77 -15.66
C ALA B 60 -3.07 -6.45 -15.61
N SER B 61 -2.92 -5.64 -16.65
CA SER B 61 -3.69 -4.41 -16.79
C SER B 61 -5.04 -4.73 -17.41
N ASN B 62 -5.11 -5.87 -18.10
CA ASN B 62 -6.36 -6.36 -18.66
C ASN B 62 -6.58 -7.83 -18.30
N PRO B 63 -7.18 -8.09 -17.11
CA PRO B 63 -7.60 -9.46 -16.78
C PRO B 63 -8.55 -10.03 -17.83
N VAL B 64 -9.62 -9.29 -18.14
CA VAL B 64 -10.49 -9.60 -19.26
C VAL B 64 -10.24 -8.61 -20.39
N GLU B 65 -10.60 -8.98 -21.61
CA GLU B 65 -10.36 -8.14 -22.79
C GLU B 65 -10.96 -6.74 -22.60
N SER B 66 -12.17 -6.69 -22.02
CA SER B 66 -12.82 -5.42 -21.71
C SER B 66 -11.91 -4.52 -20.86
N GLY B 67 -11.17 -5.13 -19.94
CA GLY B 67 -10.31 -4.40 -19.04
C GLY B 67 -10.36 -5.06 -17.66
N CYS B 68 -11.06 -4.41 -16.74
CA CYS B 68 -11.24 -4.97 -15.41
C CYS B 68 -12.33 -5.98 -15.44
N ARG B 69 -12.23 -6.98 -14.57
CA ARG B 69 -13.25 -7.99 -14.50
C ARG B 69 -14.49 -7.45 -13.78
N GLY B 70 -15.67 -7.76 -14.31
CA GLY B 70 -16.94 -7.38 -13.71
C GLY B 70 -17.55 -6.06 -14.16
N ILE B 71 -16.78 -5.28 -14.93
CA ILE B 71 -17.18 -3.92 -15.32
C ILE B 71 -18.30 -3.90 -16.36
N ASP B 72 -19.23 -2.96 -16.19
CA ASP B 72 -20.26 -2.68 -17.19
C ASP B 72 -19.64 -2.10 -18.46
N SER B 73 -19.17 -3.01 -19.31
CA SER B 73 -18.32 -2.68 -20.46
C SER B 73 -19.01 -1.79 -21.50
N LYS B 74 -20.35 -1.84 -21.53
CA LYS B 74 -21.13 -0.94 -22.36
C LYS B 74 -20.73 0.51 -22.14
N HIS B 75 -21.13 1.03 -20.99
CA HIS B 75 -20.90 2.41 -20.63
C HIS B 75 -19.43 2.69 -20.34
N TRP B 76 -18.70 1.68 -19.86
CA TRP B 76 -17.40 1.91 -19.24
C TRP B 76 -16.17 1.36 -19.93
N ASN B 77 -15.15 2.19 -20.03
CA ASN B 77 -13.81 1.72 -20.32
C ASN B 77 -13.06 1.57 -19.01
N SER B 78 -12.16 0.60 -18.93
CA SER B 78 -11.44 0.38 -17.68
C SER B 78 -10.14 -0.36 -17.89
N TYR B 79 -9.22 -0.16 -16.94
CA TYR B 79 -7.98 -0.92 -16.86
C TYR B 79 -7.52 -1.05 -15.41
N CYS B 80 -6.56 -1.93 -15.18
CA CYS B 80 -6.03 -2.17 -13.84
C CYS B 80 -4.68 -1.50 -13.72
N THR B 81 -4.39 -0.96 -12.56
CA THR B 81 -3.13 -0.27 -12.37
C THR B 81 -2.73 -0.31 -10.90
N THR B 82 -1.46 -0.03 -10.60
CA THR B 82 -0.95 -0.13 -9.24
C THR B 82 -1.25 1.14 -8.46
N THR B 83 -1.32 1.01 -7.15
CA THR B 83 -1.30 2.16 -6.26
C THR B 83 -0.27 1.91 -5.18
N HIS B 84 -0.06 2.92 -4.35
CA HIS B 84 1.14 2.98 -3.55
C HIS B 84 0.89 3.48 -2.13
N THR B 85 1.78 3.08 -1.24
CA THR B 85 1.87 3.72 0.04
C THR B 85 3.23 4.44 0.01
N PHE B 86 3.65 4.96 1.17
CA PHE B 86 4.95 5.55 1.32
C PHE B 86 5.60 4.94 2.52
N VAL B 87 6.77 4.35 2.29
CA VAL B 87 7.56 3.81 3.37
C VAL B 87 8.84 4.60 3.53
N LYS B 88 9.32 4.75 4.76
CA LYS B 88 10.64 5.30 5.00
C LYS B 88 11.73 4.31 4.53
N ALA B 89 12.66 4.77 3.71
CA ALA B 89 13.78 3.93 3.26
C ALA B 89 15.11 4.72 3.32
N LEU B 90 16.21 4.04 3.64
CA LEU B 90 17.51 4.72 3.62
C LEU B 90 17.91 4.90 2.17
N THR B 91 18.19 6.16 1.79
CA THR B 91 18.41 6.49 0.37
C THR B 91 19.60 7.43 0.14
N THR B 92 19.87 7.72 -1.12
CA THR B 92 20.76 8.82 -1.51
C THR B 92 20.28 9.49 -2.78
N ASP B 93 20.37 10.82 -2.81
CA ASP B 93 20.39 11.56 -4.06
C ASP B 93 21.85 11.86 -4.36
N GLU B 94 22.09 12.82 -5.27
CA GLU B 94 23.44 13.26 -5.56
C GLU B 94 24.17 13.55 -4.25
N LYS B 95 23.65 14.51 -3.49
CA LYS B 95 24.27 14.94 -2.25
C LYS B 95 24.26 13.88 -1.12
N GLN B 96 23.18 13.83 -0.33
CA GLN B 96 23.26 13.16 0.95
C GLN B 96 22.51 11.83 1.08
N ALA B 97 23.01 11.00 1.99
CA ALA B 97 22.33 9.81 2.44
C ALA B 97 21.33 10.23 3.50
N ALA B 98 20.10 9.72 3.42
CA ALA B 98 19.13 9.93 4.48
C ALA B 98 17.94 8.99 4.34
N TRP B 99 17.11 8.97 5.39
CA TRP B 99 15.80 8.32 5.37
C TRP B 99 14.73 9.22 4.73
N ARG B 100 14.17 8.76 3.63
CA ARG B 100 13.20 9.49 2.83
C ARG B 100 11.97 8.64 2.60
N PHE B 101 10.80 9.24 2.54
CA PHE B 101 9.64 8.45 2.17
C PHE B 101 9.65 8.21 0.68
N ILE B 102 9.60 6.94 0.32
CA ILE B 102 9.54 6.56 -1.08
C ILE B 102 8.22 5.82 -1.33
N ARG B 103 7.74 5.88 -2.56
CA ARG B 103 6.52 5.15 -2.93
C ARG B 103 6.81 3.69 -3.30
N ILE B 104 5.99 2.78 -2.78
CA ILE B 104 6.06 1.37 -3.14
C ILE B 104 4.66 0.87 -3.51
N ASP B 105 4.59 0.03 -4.55
CA ASP B 105 3.34 -0.58 -5.02
C ASP B 105 2.71 -1.44 -3.94
N THR B 106 1.42 -1.23 -3.68
CA THR B 106 0.73 -2.01 -2.63
C THR B 106 -0.62 -2.62 -3.00
N ALA B 107 -1.20 -2.22 -4.12
CA ALA B 107 -2.44 -2.85 -4.58
C ALA B 107 -2.66 -2.66 -6.07
N CYS B 108 -3.58 -3.44 -6.61
CA CYS B 108 -3.98 -3.30 -8.00
C CYS B 108 -5.45 -2.89 -8.05
N VAL B 109 -5.72 -1.72 -8.61
CA VAL B 109 -7.09 -1.22 -8.61
C VAL B 109 -7.57 -0.92 -10.00
N CYS B 110 -8.89 -0.86 -10.16
CA CYS B 110 -9.50 -0.67 -11.45
C CYS B 110 -9.82 0.80 -11.64
N VAL B 111 -9.53 1.30 -12.83
CA VAL B 111 -9.74 2.70 -13.20
C VAL B 111 -10.80 2.83 -14.29
N LEU B 112 -11.79 3.70 -14.07
CA LEU B 112 -12.88 3.84 -15.02
C LEU B 112 -12.74 5.06 -15.91
N SER B 113 -13.44 5.01 -17.03
CA SER B 113 -13.44 6.09 -18.00
C SER B 113 -14.71 5.96 -18.83
N ARG B 114 -15.49 7.03 -18.85
CA ARG B 114 -16.80 7.00 -19.50
C ARG B 114 -16.67 6.85 -21.01
N LYS B 115 -17.34 5.84 -21.56
CA LYS B 115 -17.39 5.71 -23.02
C LYS B 115 -18.72 6.30 -23.52
P LPY C . 16.02 -5.42 11.23
O1 LPY C . 19.29 -8.47 6.84
O2 LPY C . 18.58 -5.90 7.84
O3 LPY C . 17.23 -5.97 10.34
O4 LPY C . 15.55 -6.51 12.15
O5 LPY C . 14.89 -5.00 10.32
O7 LPY C . 17.67 1.75 13.35
O8 LPY C . 15.35 -1.43 11.03
O9 LPY C . 16.77 0.64 11.54
O10 LPY C . 16.50 -4.15 12.09
O11 LPY C . 17.30 -8.62 10.87
O12 LPY C . 15.86 -10.45 9.48
O13 LPY C . 17.20 -10.40 6.97
C15 LPY C . 16.42 -1.75 11.88
C16 LPY C . 17.08 -3.03 11.40
C17 LPY C . 17.49 -9.48 8.03
C20 LPY C . 16.22 -9.25 8.83
C26 LPY C . 18.04 -8.19 7.44
C29 LPY C . 11.09 14.71 10.06
C30 LPY C . 12.56 14.30 9.90
C31 LPY C . 12.68 12.77 10.05
C32 LPY C . 14.12 12.34 9.69
C33 LPY C . 14.16 10.81 9.41
C34 LPY C . 15.32 10.16 10.22
C35 LPY C . 14.93 8.72 10.61
C36 LPY C . 16.21 7.89 10.87
C37 LPY C . 15.81 6.48 11.42
C38 LPY C . 17.03 5.53 11.30
C39 LPY C . 16.71 4.19 12.01
C40 LPY C . 17.54 3.08 11.38
C41 LPY C . 18.22 -7.11 8.49
C42 LPY C . 17.34 1.79 12.18
C43 LPY C . 16.95 -6.88 9.29
C44 LPY C . 16.41 -8.15 9.89
C45 LPY C . 17.44 -0.60 11.87
#